data_8EXE
#
_entry.id   8EXE
#
_cell.length_a   87.800
_cell.length_b   88.152
_cell.length_c   102.981
_cell.angle_alpha   90.00
_cell.angle_beta   90.00
_cell.angle_gamma   90.00
#
_symmetry.space_group_name_H-M   'P 21 21 21'
#
loop_
_entity.id
_entity.type
_entity.pdbx_description
1 polymer 'Terminal nucleotidyltransferase 5A'
2 polymer 'Isoform 2 of BRCA2 and CDKN1A-interacting protein'
#
loop_
_entity_poly.entity_id
_entity_poly.type
_entity_poly.pdbx_seq_one_letter_code
_entity_poly.pdbx_strand_id
1 'polypeptide(L)'
;GPGAPNVLNWEQVQRLDGILSETIPIHGRGNFPTLELQPSLIVKVVRRRLAEKRIGVRDVRLNGSAASHVLHQDSGLGYK
DLDLIFCADLRGEGEFQTVKDVVLDCLLDFLPEGVNKEKITPLTLKEAYVQKMVKVCNDSDRWSLISLSNNSGKNVELKF
VDSLRRQFEFSVDSFQIKLDSLLLFYECSENPMTETFHPTIIGESVYGDFQEAFDHLCNKIIATRNPEEIRGGGLLKYCN
LLVRGFRPASDEIKTLQRYMCSRFFIDFSDIGEQQRKLESYLQNHFVGLEDRKYEYLMTLHGVVNESTVCLMGHERRQTL
NLITMLAIRVLADQNV
;
A
2 'polypeptide(L)'
;GPGAPDEVIDEEVNIEFEAYSLSDNDYDGIKKLLQQLFLKAPVNTAELTDLLIQQNHIGSVIKQTDVSEDSNDDMDEDEV
FGFISLLNLTERKGTQCVEQIQELVLRFCEKNCEKSMVEQLDKFLNDTTKPVGLLLSERFINVPPQIALPMYQQLQKELA
GAHRTNKPCGKCYFYLLISKTFVEAGKNNSKKKPSNKKKAALMFANAEEEFFYEEQGKPEVLGGPDTRRGLEPVPIQHNG
GSRGQVTALVSLKAGLIQSRSTLSDFQGTFMTVGIALS
;
B
#
# COMPACT_ATOMS: atom_id res chain seq x y z
N PRO A 5 29.46 -7.14 -13.07
CA PRO A 5 29.29 -6.59 -11.72
C PRO A 5 27.83 -6.22 -11.42
N ASN A 6 27.60 -4.96 -11.07
CA ASN A 6 26.24 -4.44 -10.99
C ASN A 6 25.58 -4.36 -12.35
N VAL A 7 26.38 -4.27 -13.42
CA VAL A 7 25.86 -4.07 -14.76
C VAL A 7 25.16 -5.34 -15.23
N LEU A 8 23.95 -5.18 -15.75
CA LEU A 8 23.14 -6.30 -16.21
C LEU A 8 23.75 -6.90 -17.47
N ASN A 9 23.64 -8.22 -17.59
CA ASN A 9 24.05 -8.87 -18.82
C ASN A 9 22.95 -8.73 -19.87
N TRP A 10 23.13 -9.36 -21.03
CA TRP A 10 22.21 -9.16 -22.14
C TRP A 10 20.85 -9.79 -21.86
N GLU A 11 20.84 -11.10 -21.54
CA GLU A 11 19.57 -11.79 -21.32
C GLU A 11 18.73 -11.09 -20.27
N GLN A 12 19.36 -10.68 -19.16
CA GLN A 12 18.68 -9.85 -18.18
C GLN A 12 18.09 -8.60 -18.84
N VAL A 13 18.91 -7.92 -19.67
CA VAL A 13 18.44 -6.70 -20.32
C VAL A 13 17.24 -6.99 -21.20
N GLN A 14 17.28 -8.12 -21.92
CA GLN A 14 16.16 -8.46 -22.78
C GLN A 14 14.90 -8.72 -21.97
N ARG A 15 15.05 -9.40 -20.83
CA ARG A 15 13.89 -9.65 -19.98
C ARG A 15 13.36 -8.35 -19.41
N LEU A 16 14.25 -7.43 -19.04
CA LEU A 16 13.82 -6.11 -18.58
C LEU A 16 12.97 -5.42 -19.64
N ASP A 17 13.48 -5.36 -20.88
CA ASP A 17 12.68 -4.85 -21.99
C ASP A 17 11.37 -5.60 -22.10
N GLY A 18 11.37 -6.88 -21.81
CA GLY A 18 10.17 -7.70 -21.86
C GLY A 18 9.05 -7.17 -20.99
N ILE A 19 9.23 -7.19 -19.66
CA ILE A 19 8.12 -6.82 -18.78
C ILE A 19 7.80 -5.33 -18.87
N LEU A 20 8.66 -4.52 -19.51
CA LEU A 20 8.41 -3.09 -19.62
C LEU A 20 7.85 -2.68 -20.98
N SER A 21 8.03 -3.51 -22.01
CA SER A 21 7.44 -3.24 -23.31
C SER A 21 6.16 -4.03 -23.57
N GLU A 22 5.90 -5.07 -22.78
CA GLU A 22 4.67 -5.85 -22.91
C GLU A 22 3.54 -5.18 -22.14
N THR A 23 2.39 -5.03 -22.80
CA THR A 23 1.32 -4.16 -22.34
C THR A 23 0.60 -4.74 -21.12
N ILE A 24 -0.08 -3.85 -20.40
CA ILE A 24 -0.90 -4.21 -19.24
C ILE A 24 -2.34 -3.77 -19.48
N PRO A 25 -3.32 -4.54 -19.03
CA PRO A 25 -4.72 -4.09 -19.11
C PRO A 25 -5.02 -3.09 -18.01
N ILE A 26 -5.58 -1.95 -18.40
CA ILE A 26 -6.13 -0.98 -17.44
C ILE A 26 -7.64 -1.19 -17.49
N HIS A 27 -8.11 -2.14 -16.68
CA HIS A 27 -9.51 -2.56 -16.78
C HIS A 27 -10.44 -1.40 -16.49
N GLY A 28 -11.65 -1.48 -17.05
CA GLY A 28 -12.59 -0.38 -17.01
C GLY A 28 -13.62 -0.53 -15.92
N ARG A 29 -13.59 0.40 -14.97
CA ARG A 29 -14.61 0.52 -13.93
C ARG A 29 -15.17 1.92 -13.98
N GLY A 30 -16.50 2.02 -13.92
CA GLY A 30 -17.15 3.29 -14.21
C GLY A 30 -17.00 3.62 -15.68
N ASN A 31 -16.12 4.58 -15.99
CA ASN A 31 -15.68 4.79 -17.37
C ASN A 31 -15.07 3.48 -17.88
N PHE A 32 -15.72 2.87 -18.86
CA PHE A 32 -15.41 1.49 -19.23
C PHE A 32 -14.30 1.31 -20.28
N PRO A 33 -13.98 2.32 -21.12
CA PRO A 33 -12.85 2.15 -22.06
C PRO A 33 -11.57 1.65 -21.41
N THR A 34 -11.30 0.36 -21.54
CA THR A 34 -10.05 -0.20 -21.05
C THR A 34 -8.87 0.38 -21.82
N LEU A 35 -7.68 0.25 -21.25
CA LEU A 35 -6.49 0.93 -21.78
C LEU A 35 -5.33 -0.05 -21.84
N GLU A 36 -4.88 -0.37 -23.05
CA GLU A 36 -3.69 -1.18 -23.24
C GLU A 36 -2.48 -0.26 -23.19
N LEU A 37 -1.75 -0.28 -22.07
CA LEU A 37 -0.65 0.63 -21.82
C LEU A 37 0.66 -0.15 -21.69
N GLN A 38 1.64 0.22 -22.48
CA GLN A 38 2.96 -0.38 -22.34
C GLN A 38 3.71 0.29 -21.19
N PRO A 39 4.25 -0.47 -20.23
CA PRO A 39 4.93 0.17 -19.09
C PRO A 39 6.04 1.12 -19.50
N SER A 40 6.78 0.77 -20.56
CA SER A 40 7.82 1.67 -21.04
C SER A 40 7.26 3.04 -21.42
N LEU A 41 6.07 3.05 -22.04
CA LEU A 41 5.47 4.31 -22.45
C LEU A 41 5.12 5.19 -21.25
N ILE A 42 4.55 4.61 -20.20
CA ILE A 42 4.21 5.41 -19.03
C ILE A 42 5.48 5.87 -18.32
N VAL A 43 6.45 4.96 -18.13
CA VAL A 43 7.69 5.32 -17.45
C VAL A 43 8.38 6.47 -18.17
N LYS A 44 8.50 6.37 -19.50
CA LYS A 44 9.09 7.47 -20.27
C LYS A 44 8.33 8.77 -20.02
N VAL A 45 7.05 8.79 -20.37
CA VAL A 45 6.30 10.06 -20.38
C VAL A 45 6.20 10.63 -18.97
N VAL A 46 6.07 9.77 -17.96
CA VAL A 46 6.04 10.26 -16.58
C VAL A 46 7.36 10.95 -16.24
N ARG A 47 8.48 10.26 -16.44
CA ARG A 47 9.78 10.90 -16.25
C ARG A 47 9.89 12.18 -17.05
N ARG A 48 9.45 12.15 -18.32
CA ARG A 48 9.60 13.31 -19.19
C ARG A 48 8.82 14.50 -18.66
N ARG A 49 7.52 14.33 -18.46
CA ARG A 49 6.67 15.43 -18.00
C ARG A 49 7.07 15.90 -16.60
N LEU A 50 7.74 15.04 -15.83
CA LEU A 50 8.23 15.44 -14.51
C LEU A 50 9.46 16.32 -14.64
N ALA A 51 10.45 15.88 -15.43
CA ALA A 51 11.62 16.71 -15.68
C ALA A 51 11.26 17.97 -16.42
N GLU A 52 10.22 17.91 -17.25
CA GLU A 52 9.76 19.12 -17.96
C GLU A 52 9.15 20.12 -16.99
N LYS A 53 8.42 19.64 -15.99
CA LYS A 53 7.94 20.52 -14.91
C LYS A 53 9.05 20.90 -13.93
N ARG A 54 10.30 20.62 -14.29
CA ARG A 54 11.47 21.01 -13.50
C ARG A 54 11.42 20.40 -12.09
N ILE A 55 11.04 19.12 -12.01
CA ILE A 55 10.98 18.45 -10.72
C ILE A 55 12.32 17.81 -10.34
N GLY A 56 13.07 17.27 -11.31
CA GLY A 56 14.39 16.78 -11.00
C GLY A 56 14.44 15.34 -10.55
N VAL A 57 14.40 14.42 -11.51
CA VAL A 57 14.43 13.00 -11.22
C VAL A 57 15.88 12.58 -11.00
N ARG A 58 16.12 11.79 -9.96
CA ARG A 58 17.45 11.23 -9.78
C ARG A 58 17.60 9.89 -10.49
N ASP A 59 16.66 8.97 -10.23
CA ASP A 59 16.70 7.61 -10.80
C ASP A 59 15.28 7.09 -10.97
N VAL A 60 15.03 6.22 -11.96
CA VAL A 60 13.71 5.55 -12.09
C VAL A 60 14.06 4.08 -11.93
N ARG A 61 13.50 3.38 -10.94
CA ARG A 61 13.94 1.99 -10.68
C ARG A 61 12.80 0.99 -10.84
N LEU A 62 13.08 -0.30 -10.66
CA LEU A 62 12.05 -1.37 -10.73
C LEU A 62 12.22 -2.21 -9.47
N ASN A 63 11.13 -2.71 -8.87
CA ASN A 63 11.30 -3.37 -7.55
C ASN A 63 10.52 -4.65 -7.34
N GLY A 64 11.08 -5.57 -6.56
CA GLY A 64 10.32 -6.77 -6.14
C GLY A 64 10.32 -7.97 -7.03
N SER A 65 9.14 -8.50 -7.32
CA SER A 65 8.98 -9.73 -8.13
C SER A 65 9.53 -9.54 -9.54
N ALA A 66 9.41 -8.34 -10.07
CA ALA A 66 9.87 -8.08 -11.45
C ALA A 66 11.37 -8.08 -11.62
N ALA A 67 12.09 -7.36 -10.76
CA ALA A 67 13.55 -7.25 -10.89
C ALA A 67 14.15 -8.60 -10.57
N SER A 68 13.47 -9.37 -9.74
CA SER A 68 14.03 -10.67 -9.36
C SER A 68 13.77 -11.62 -10.52
N HIS A 69 12.86 -11.26 -11.41
CA HIS A 69 12.59 -12.08 -12.60
C HIS A 69 13.61 -11.80 -13.71
N VAL A 70 13.96 -10.54 -13.92
CA VAL A 70 14.91 -10.24 -14.98
C VAL A 70 16.30 -10.71 -14.63
N LEU A 71 16.63 -10.78 -13.34
CA LEU A 71 17.97 -11.20 -12.96
C LEU A 71 18.12 -12.71 -13.04
N HIS A 72 17.10 -13.46 -12.61
CA HIS A 72 17.19 -14.92 -12.59
C HIS A 72 15.77 -15.46 -12.68
N GLN A 73 15.39 -15.91 -13.88
CA GLN A 73 14.05 -16.41 -14.13
C GLN A 73 13.74 -17.67 -13.32
N ASP A 74 14.76 -18.38 -12.86
CA ASP A 74 14.55 -19.68 -12.22
C ASP A 74 13.81 -19.53 -10.90
N SER A 75 14.13 -18.51 -10.12
CA SER A 75 13.59 -18.40 -8.77
C SER A 75 12.07 -18.26 -8.80
N GLY A 76 11.43 -18.69 -7.70
CA GLY A 76 9.98 -18.76 -7.61
C GLY A 76 9.27 -17.41 -7.69
N LEU A 77 9.94 -16.32 -7.30
CA LEU A 77 9.33 -15.00 -7.36
C LEU A 77 8.83 -14.69 -8.76
N GLY A 78 7.54 -14.86 -8.99
CA GLY A 78 6.97 -14.68 -10.31
C GLY A 78 6.61 -13.24 -10.61
N TYR A 79 6.97 -12.79 -11.81
CA TYR A 79 6.53 -11.48 -12.28
C TYR A 79 5.01 -11.44 -12.34
N LYS A 80 4.38 -10.95 -11.28
CA LYS A 80 2.95 -10.72 -11.27
C LYS A 80 2.62 -9.34 -10.74
N ASP A 81 3.62 -8.54 -10.38
CA ASP A 81 3.41 -7.19 -9.89
C ASP A 81 4.52 -6.30 -10.44
N LEU A 82 4.14 -5.22 -11.10
CA LEU A 82 5.07 -4.23 -11.63
C LEU A 82 5.18 -3.08 -10.64
N ASP A 83 6.29 -3.04 -9.91
CA ASP A 83 6.51 -2.02 -8.89
C ASP A 83 7.60 -1.06 -9.39
N LEU A 84 7.19 0.18 -9.68
CA LEU A 84 8.05 1.18 -10.31
C LEU A 84 8.32 2.30 -9.33
N ILE A 85 9.61 2.58 -9.07
CA ILE A 85 10.03 3.61 -8.14
C ILE A 85 10.56 4.80 -8.93
N PHE A 86 10.24 6.01 -8.47
CA PHE A 86 10.69 7.25 -9.08
C PHE A 86 11.47 8.06 -8.04
N CYS A 87 12.67 7.58 -7.70
CA CYS A 87 13.53 8.31 -6.78
C CYS A 87 13.76 9.73 -7.26
N ALA A 88 13.32 10.71 -6.48
CA ALA A 88 13.37 12.11 -6.90
C ALA A 88 13.59 12.98 -5.66
N ASP A 89 13.49 14.29 -5.85
CA ASP A 89 13.63 15.29 -4.79
C ASP A 89 12.33 16.10 -4.73
N LEU A 90 11.31 15.52 -4.11
CA LEU A 90 10.02 16.18 -3.93
C LEU A 90 9.91 16.65 -2.48
N ARG A 91 9.98 17.97 -2.29
CA ARG A 91 9.81 18.53 -0.95
C ARG A 91 8.62 19.45 -0.82
N GLY A 92 8.37 20.32 -1.81
CA GLY A 92 7.24 21.23 -1.72
C GLY A 92 5.92 20.50 -1.74
N GLU A 93 4.95 21.05 -0.99
CA GLU A 93 3.62 20.46 -0.96
C GLU A 93 2.99 20.42 -2.34
N GLY A 94 3.35 21.39 -3.20
CA GLY A 94 2.88 21.38 -4.57
C GLY A 94 3.62 20.40 -5.47
N GLU A 95 4.82 19.99 -5.08
CA GLU A 95 5.56 19.03 -5.89
C GLU A 95 4.82 17.71 -5.99
N PHE A 96 4.14 17.31 -4.92
CA PHE A 96 3.35 16.08 -4.98
C PHE A 96 2.10 16.27 -5.82
N GLN A 97 1.55 17.50 -5.86
CA GLN A 97 0.37 17.73 -6.68
C GLN A 97 0.70 17.67 -8.16
N THR A 98 1.82 18.27 -8.57
CA THR A 98 2.21 18.23 -9.97
C THR A 98 2.70 16.85 -10.39
N VAL A 99 3.19 16.05 -9.45
CA VAL A 99 3.45 14.64 -9.76
C VAL A 99 2.14 13.93 -10.06
N LYS A 100 1.12 14.14 -9.21
CA LYS A 100 -0.23 13.65 -9.49
C LYS A 100 -0.72 14.13 -10.84
N ASP A 101 -0.56 15.42 -11.13
CA ASP A 101 -1.07 15.96 -12.37
C ASP A 101 -0.29 15.44 -13.57
N VAL A 102 0.99 15.12 -13.40
CA VAL A 102 1.76 14.55 -14.50
C VAL A 102 1.23 13.17 -14.86
N VAL A 103 1.01 12.34 -13.86
CA VAL A 103 0.57 10.92 -14.12
C VAL A 103 -0.81 10.97 -14.76
N LEU A 104 -1.60 11.98 -14.40
CA LEU A 104 -2.98 12.08 -14.95
C LEU A 104 -2.93 12.82 -16.28
N ASP A 105 -1.90 13.60 -16.53
CA ASP A 105 -1.74 14.25 -17.85
C ASP A 105 -1.17 13.21 -18.80
N CYS A 106 -0.64 12.13 -18.25
CA CYS A 106 -0.11 11.05 -19.10
C CYS A 106 -1.21 10.06 -19.48
N LEU A 107 -2.10 9.73 -18.55
CA LEU A 107 -3.12 8.68 -18.83
C LEU A 107 -4.30 9.25 -19.63
N LEU A 108 -4.22 10.51 -20.04
CA LEU A 108 -5.30 11.03 -20.92
C LEU A 108 -4.77 10.84 -22.33
N ASP A 109 -3.47 11.05 -22.50
CA ASP A 109 -2.86 10.93 -23.84
C ASP A 109 -3.21 9.55 -24.40
N PHE A 110 -3.00 8.51 -23.61
CA PHE A 110 -3.21 7.13 -24.10
C PHE A 110 -4.69 6.82 -24.03
N LEU A 111 -5.48 7.21 -25.03
CA LEU A 111 -6.92 6.87 -25.05
C LEU A 111 -7.42 6.96 -26.50
N THR A 121 -10.69 15.19 -18.58
CA THR A 121 -10.49 15.87 -17.30
C THR A 121 -9.81 14.94 -16.30
N PRO A 122 -8.75 15.43 -15.64
CA PRO A 122 -7.97 14.55 -14.75
C PRO A 122 -8.78 13.91 -13.64
N LEU A 123 -9.72 14.66 -13.04
CA LEU A 123 -10.49 14.10 -11.94
C LEU A 123 -11.28 12.87 -12.36
N THR A 124 -11.88 12.91 -13.54
CA THR A 124 -12.68 11.78 -14.00
C THR A 124 -11.82 10.55 -14.28
N LEU A 125 -10.74 10.72 -15.05
CA LEU A 125 -9.84 9.60 -15.29
C LEU A 125 -9.32 9.02 -13.98
N LYS A 126 -9.06 9.88 -13.00
CA LYS A 126 -8.63 9.41 -11.69
C LYS A 126 -9.68 8.50 -11.07
N GLU A 127 -10.91 8.98 -10.96
CA GLU A 127 -11.97 8.21 -10.31
C GLU A 127 -12.32 6.93 -11.07
N ALA A 128 -11.87 6.79 -12.31
CA ALA A 128 -12.20 5.60 -13.11
C ALA A 128 -11.24 4.45 -12.81
N TYR A 129 -9.97 4.62 -13.18
CA TYR A 129 -9.03 3.51 -13.27
C TYR A 129 -8.00 3.47 -12.16
N VAL A 130 -8.07 4.35 -11.18
CA VAL A 130 -7.05 4.45 -10.14
C VAL A 130 -7.51 3.66 -8.94
N GLN A 131 -6.68 2.70 -8.52
CA GLN A 131 -6.99 1.89 -7.34
C GLN A 131 -6.68 2.64 -6.05
N LYS A 132 -5.49 3.24 -5.96
CA LYS A 132 -5.08 3.93 -4.74
C LYS A 132 -4.26 5.16 -5.10
N MET A 133 -4.28 6.15 -4.21
CA MET A 133 -3.43 7.33 -4.29
C MET A 133 -3.08 7.71 -2.85
N VAL A 134 -1.88 7.33 -2.42
CA VAL A 134 -1.44 7.54 -1.05
C VAL A 134 -0.19 8.40 -1.06
N LYS A 135 -0.20 9.47 -0.27
CA LYS A 135 0.96 10.33 -0.09
C LYS A 135 1.22 10.44 1.41
N VAL A 136 2.48 10.29 1.80
CA VAL A 136 2.87 10.29 3.21
C VAL A 136 4.03 11.27 3.38
N CYS A 137 3.83 12.29 4.19
CA CYS A 137 4.84 13.30 4.49
C CYS A 137 5.04 13.30 5.99
N ASN A 138 5.97 12.49 6.48
CA ASN A 138 6.16 12.33 7.92
C ASN A 138 7.64 12.52 8.22
N ASP A 139 8.09 11.95 9.34
CA ASP A 139 9.41 12.25 9.85
C ASP A 139 10.50 11.80 8.88
N SER A 140 10.29 10.71 8.18
CA SER A 140 11.34 10.20 7.30
C SER A 140 10.76 9.77 5.97
N ASP A 141 9.50 9.39 5.96
CA ASP A 141 8.82 9.03 4.72
C ASP A 141 8.19 10.25 4.10
N ARG A 142 8.66 10.62 2.90
CA ARG A 142 8.03 11.65 2.09
C ARG A 142 7.86 11.10 0.67
N TRP A 143 6.89 10.21 0.51
CA TRP A 143 6.69 9.49 -0.75
C TRP A 143 5.23 9.55 -1.17
N SER A 144 5.01 9.27 -2.46
CA SER A 144 3.69 9.26 -3.07
C SER A 144 3.55 8.00 -3.90
N LEU A 145 2.33 7.50 -4.04
CA LEU A 145 2.08 6.24 -4.71
C LEU A 145 0.78 6.29 -5.47
N ILE A 146 0.80 5.75 -6.69
CA ILE A 146 -0.39 5.61 -7.53
C ILE A 146 -0.44 4.17 -8.02
N SER A 147 -1.52 3.47 -7.70
CA SER A 147 -1.73 2.09 -8.09
C SER A 147 -2.83 2.05 -9.14
N LEU A 148 -2.48 1.68 -10.36
CA LEU A 148 -3.47 1.53 -11.43
C LEU A 148 -4.13 0.17 -11.35
N SER A 149 -5.43 0.14 -11.62
CA SER A 149 -6.24 -1.04 -11.33
C SER A 149 -6.27 -1.99 -12.51
N ASN A 150 -6.45 -3.27 -12.20
CA ASN A 150 -6.59 -4.32 -13.22
C ASN A 150 -7.43 -5.45 -12.64
N ASN A 151 -8.46 -5.87 -13.37
CA ASN A 151 -9.35 -6.89 -12.86
C ASN A 151 -8.63 -8.21 -12.65
N SER A 152 -7.59 -8.50 -13.45
CA SER A 152 -6.83 -9.74 -13.33
C SER A 152 -5.95 -9.77 -12.10
N GLY A 153 -6.04 -8.76 -11.24
CA GLY A 153 -5.22 -8.66 -10.06
C GLY A 153 -3.82 -8.15 -10.29
N LYS A 154 -3.32 -8.22 -11.53
CA LYS A 154 -2.01 -7.67 -11.85
C LYS A 154 -1.99 -6.19 -11.50
N ASN A 155 -1.00 -5.78 -10.71
CA ASN A 155 -0.99 -4.44 -10.13
C ASN A 155 0.25 -3.68 -10.56
N VAL A 156 0.04 -2.43 -11.00
CA VAL A 156 1.11 -1.53 -11.39
C VAL A 156 1.15 -0.40 -10.38
N GLU A 157 2.34 -0.15 -9.81
CA GLU A 157 2.52 0.84 -8.77
C GLU A 157 3.59 1.84 -9.22
N LEU A 158 3.18 3.09 -9.39
CA LEU A 158 4.10 4.19 -9.65
C LEU A 158 4.41 4.87 -8.32
N LYS A 159 5.62 4.62 -7.81
CA LYS A 159 6.02 5.13 -6.49
C LYS A 159 7.04 6.24 -6.70
N PHE A 160 6.66 7.47 -6.32
CA PHE A 160 7.55 8.63 -6.36
C PHE A 160 8.04 8.88 -4.94
N VAL A 161 9.28 8.51 -4.66
CA VAL A 161 9.80 8.46 -3.30
C VAL A 161 10.92 9.48 -3.18
N ASP A 162 10.70 10.51 -2.35
CA ASP A 162 11.77 11.42 -2.00
C ASP A 162 12.68 10.81 -0.94
N SER A 163 12.09 10.35 0.16
CA SER A 163 12.86 9.80 1.28
C SER A 163 12.01 8.75 1.96
N LEU A 164 12.60 7.59 2.24
CA LEU A 164 11.84 6.44 2.71
C LEU A 164 12.61 5.72 3.81
N ARG A 165 11.90 5.36 4.88
CA ARG A 165 12.49 4.67 6.02
C ARG A 165 12.92 3.26 5.64
N ARG A 166 13.89 2.75 6.40
CA ARG A 166 14.27 1.35 6.30
C ARG A 166 13.05 0.46 6.54
N GLN A 167 13.11 -0.76 5.98
CA GLN A 167 12.03 -1.73 6.17
C GLN A 167 12.61 -3.13 6.24
N PHE A 168 11.86 -4.03 6.89
CA PHE A 168 12.20 -5.44 6.92
C PHE A 168 12.31 -6.00 5.51
N GLU A 169 13.52 -6.39 5.11
CA GLU A 169 13.78 -6.77 3.74
C GLU A 169 14.44 -8.13 3.67
N PHE A 170 13.86 -9.01 2.85
CA PHE A 170 14.51 -10.25 2.49
C PHE A 170 15.51 -10.00 1.38
N SER A 171 16.44 -10.94 1.21
CA SER A 171 17.47 -10.77 0.19
C SER A 171 16.89 -10.81 -1.21
N VAL A 172 16.13 -11.87 -1.52
CA VAL A 172 15.71 -12.11 -2.90
C VAL A 172 14.60 -11.16 -3.34
N ASP A 173 13.90 -10.53 -2.40
CA ASP A 173 12.96 -9.48 -2.75
C ASP A 173 13.63 -8.12 -2.87
N SER A 174 14.81 -7.96 -2.27
CA SER A 174 15.53 -6.69 -2.23
C SER A 174 16.34 -6.51 -3.52
N PHE A 175 15.65 -6.11 -4.58
CA PHE A 175 16.31 -5.86 -5.85
C PHE A 175 15.72 -4.63 -6.52
N GLN A 176 16.59 -3.79 -7.05
CA GLN A 176 16.19 -2.56 -7.73
C GLN A 176 17.11 -2.34 -8.91
N ILE A 177 16.52 -2.10 -10.07
CA ILE A 177 17.24 -1.99 -11.33
C ILE A 177 16.95 -0.62 -11.93
N LYS A 178 18.01 0.10 -12.30
CA LYS A 178 17.90 1.49 -12.70
C LYS A 178 17.61 1.54 -14.20
N LEU A 179 16.35 1.84 -14.55
CA LEU A 179 15.88 1.81 -15.92
C LEU A 179 16.36 2.97 -16.78
N ASP A 180 17.21 3.84 -16.25
CA ASP A 180 17.50 5.10 -16.93
C ASP A 180 18.35 4.88 -18.17
N SER A 181 19.36 4.03 -18.09
CA SER A 181 20.16 3.70 -19.26
C SER A 181 19.32 3.07 -20.35
N LEU A 182 18.27 2.34 -19.96
CA LEU A 182 17.39 1.75 -20.96
C LEU A 182 16.41 2.78 -21.51
N LEU A 183 15.97 3.72 -20.68
CA LEU A 183 15.04 4.73 -21.15
C LEU A 183 15.61 5.49 -22.34
N LEU A 184 16.91 5.82 -22.30
CA LEU A 184 17.56 6.52 -23.40
C LEU A 184 17.33 5.81 -24.73
N PHE A 185 17.46 4.47 -24.73
CA PHE A 185 17.31 3.71 -25.96
C PHE A 185 15.90 3.79 -26.52
N TYR A 186 14.92 4.19 -25.70
CA TYR A 186 13.53 4.25 -26.13
C TYR A 186 13.19 5.55 -26.85
N GLU A 187 13.86 6.66 -26.51
CA GLU A 187 13.52 7.93 -27.15
C GLU A 187 14.17 8.09 -28.52
N CYS A 188 15.31 7.44 -28.75
CA CYS A 188 15.77 7.24 -30.13
C CYS A 188 14.66 6.58 -30.95
N SER A 189 14.34 7.19 -32.11
CA SER A 189 13.30 6.74 -33.05
C SER A 189 13.29 5.23 -33.05
N GLU A 190 14.38 4.71 -33.55
CA GLU A 190 14.55 3.29 -33.72
C GLU A 190 15.33 2.82 -32.50
N ASN A 191 14.68 1.98 -31.69
CA ASN A 191 15.30 1.38 -30.53
C ASN A 191 16.58 0.68 -30.98
N PRO A 192 17.78 1.24 -30.67
CA PRO A 192 19.04 0.71 -31.20
C PRO A 192 19.65 -0.42 -30.35
N MET A 193 18.84 -1.44 -30.07
CA MET A 193 19.22 -2.47 -29.12
C MET A 193 19.59 -3.75 -29.84
N THR A 194 20.80 -4.25 -29.59
CA THR A 194 21.21 -5.60 -29.94
C THR A 194 22.13 -6.11 -28.84
N GLU A 195 22.62 -7.33 -29.04
CA GLU A 195 23.63 -7.89 -28.14
C GLU A 195 24.88 -7.02 -28.08
N THR A 196 25.18 -6.32 -29.17
CA THR A 196 26.34 -5.43 -29.22
C THR A 196 26.01 -4.04 -28.68
N PHE A 197 24.84 -3.51 -29.01
CA PHE A 197 24.42 -2.16 -28.59
C PHE A 197 23.33 -2.34 -27.54
N HIS A 198 23.79 -2.62 -26.31
CA HIS A 198 22.88 -2.86 -25.21
C HIS A 198 23.19 -1.91 -24.07
N PRO A 199 22.19 -1.23 -23.52
CA PRO A 199 22.45 -0.24 -22.47
C PRO A 199 22.95 -0.89 -21.20
N THR A 200 24.03 -0.34 -20.66
CA THR A 200 24.57 -0.81 -19.38
C THR A 200 23.61 -0.42 -18.27
N ILE A 201 22.84 -1.38 -17.77
CA ILE A 201 21.84 -1.14 -16.74
C ILE A 201 22.37 -1.69 -15.41
N ILE A 202 22.26 -0.89 -14.36
CA ILE A 202 22.86 -1.19 -13.07
C ILE A 202 21.79 -1.74 -12.14
N GLY A 203 22.00 -2.96 -11.66
CA GLY A 203 21.13 -3.53 -10.64
C GLY A 203 21.67 -3.28 -9.24
N GLU A 204 20.76 -3.19 -8.28
CA GLU A 204 21.13 -2.82 -6.92
C GLU A 204 20.25 -3.57 -5.95
N SER A 205 20.64 -3.58 -4.67
CA SER A 205 19.90 -4.30 -3.65
C SER A 205 19.76 -3.42 -2.40
N VAL A 206 18.61 -3.58 -1.74
CA VAL A 206 18.36 -2.90 -0.48
C VAL A 206 18.97 -3.67 0.69
N TYR A 207 18.90 -5.00 0.63
CA TYR A 207 19.43 -5.85 1.71
C TYR A 207 20.92 -5.65 1.91
N GLY A 208 21.66 -5.30 0.85
CA GLY A 208 23.07 -5.05 1.00
C GLY A 208 23.89 -5.20 -0.27
N ASP A 209 24.93 -6.03 -0.22
CA ASP A 209 25.80 -6.24 -1.37
C ASP A 209 25.07 -7.00 -2.47
N PHE A 210 24.98 -6.39 -3.65
CA PHE A 210 24.29 -7.00 -4.77
C PHE A 210 24.89 -8.36 -5.11
N GLN A 211 26.19 -8.55 -4.89
CA GLN A 211 26.80 -9.86 -5.11
C GLN A 211 26.22 -10.89 -4.14
N GLU A 212 26.17 -10.54 -2.85
CA GLU A 212 25.54 -11.41 -1.87
C GLU A 212 24.09 -11.70 -2.25
N ALA A 213 23.30 -10.65 -2.48
CA ALA A 213 21.86 -10.79 -2.63
C ALA A 213 21.50 -11.64 -3.85
N PHE A 214 22.20 -11.44 -4.97
CA PHE A 214 21.91 -12.25 -6.16
C PHE A 214 22.26 -13.71 -5.91
N ASP A 215 23.40 -13.96 -5.27
CA ASP A 215 23.76 -15.33 -4.95
C ASP A 215 22.67 -16.00 -4.13
N HIS A 216 22.08 -15.26 -3.19
CA HIS A 216 20.92 -15.75 -2.45
C HIS A 216 19.79 -16.09 -3.39
N LEU A 217 19.59 -15.29 -4.43
CA LEU A 217 18.53 -15.56 -5.39
C LEU A 217 18.84 -16.80 -6.21
N CYS A 218 20.12 -17.05 -6.49
CA CYS A 218 20.50 -18.19 -7.33
C CYS A 218 20.17 -19.52 -6.66
N ASN A 219 20.71 -19.74 -5.45
CA ASN A 219 20.69 -21.04 -4.79
C ASN A 219 19.70 -21.08 -3.62
N LYS A 220 18.62 -20.30 -3.70
CA LYS A 220 17.43 -20.47 -2.86
C LYS A 220 17.76 -20.31 -1.37
N ILE A 221 18.28 -19.14 -1.02
CA ILE A 221 18.58 -18.82 0.37
C ILE A 221 17.79 -17.58 0.77
N ILE A 222 17.38 -17.56 2.04
CA ILE A 222 16.80 -16.35 2.61
C ILE A 222 17.79 -15.78 3.60
N ALA A 223 17.73 -14.46 3.78
CA ALA A 223 18.52 -13.76 4.76
C ALA A 223 17.91 -12.38 4.92
N THR A 224 18.01 -11.82 6.12
CA THR A 224 17.30 -10.59 6.40
C THR A 224 18.24 -9.49 6.87
N ARG A 225 17.75 -8.27 6.75
CA ARG A 225 18.33 -7.09 7.38
C ARG A 225 17.18 -6.26 7.93
N ASN A 226 17.52 -5.35 8.83
CA ASN A 226 16.53 -4.57 9.58
C ASN A 226 15.45 -5.45 10.21
N PRO A 227 15.82 -6.47 11.00
CA PRO A 227 14.80 -7.24 11.72
C PRO A 227 14.12 -6.42 12.80
N GLU A 228 14.66 -5.24 13.10
CA GLU A 228 14.01 -4.33 14.02
C GLU A 228 12.66 -3.90 13.50
N GLU A 229 12.55 -3.70 12.18
CA GLU A 229 11.30 -3.33 11.53
C GLU A 229 10.53 -4.54 11.02
N ILE A 230 10.64 -5.68 11.69
CA ILE A 230 9.82 -6.84 11.34
C ILE A 230 8.36 -6.49 11.57
N ARG A 231 7.53 -6.72 10.55
CA ARG A 231 6.12 -6.45 10.62
C ARG A 231 5.35 -7.66 11.14
N GLY A 232 4.06 -7.46 11.41
CA GLY A 232 3.19 -8.52 11.87
C GLY A 232 3.21 -9.72 10.95
N GLY A 233 2.86 -9.52 9.69
CA GLY A 233 2.79 -10.58 8.71
C GLY A 233 4.11 -11.05 8.15
N GLY A 234 5.23 -10.64 8.73
CA GLY A 234 6.52 -11.09 8.23
C GLY A 234 6.66 -12.60 8.26
N LEU A 235 6.09 -13.24 9.28
CA LEU A 235 6.10 -14.69 9.34
C LEU A 235 5.40 -15.32 8.13
N LEU A 236 4.29 -14.71 7.69
CA LEU A 236 3.55 -15.26 6.57
C LEU A 236 4.38 -15.23 5.30
N LYS A 237 4.97 -14.08 5.00
CA LYS A 237 5.75 -13.94 3.76
C LYS A 237 6.99 -14.82 3.79
N TYR A 238 7.54 -15.07 4.98
CA TYR A 238 8.72 -15.92 5.09
C TYR A 238 8.40 -17.35 4.67
N CYS A 239 7.24 -17.86 5.07
CA CYS A 239 6.87 -19.20 4.64
C CYS A 239 6.56 -19.26 3.16
N ASN A 240 6.12 -18.14 2.57
CA ASN A 240 5.98 -18.09 1.11
C ASN A 240 7.31 -18.33 0.43
N LEU A 241 8.38 -17.73 0.96
CA LEU A 241 9.71 -18.08 0.49
C LEU A 241 10.01 -19.55 0.79
N LEU A 242 9.60 -20.01 1.97
CA LEU A 242 9.86 -21.38 2.37
C LEU A 242 9.10 -22.37 1.50
N VAL A 243 7.87 -22.02 1.10
CA VAL A 243 7.10 -22.89 0.23
C VAL A 243 7.58 -22.81 -1.21
N ARG A 244 8.31 -21.76 -1.58
CA ARG A 244 8.86 -21.62 -2.93
C ARG A 244 10.26 -22.20 -3.04
N GLY A 245 10.62 -23.12 -2.15
CA GLY A 245 11.92 -23.75 -2.18
C GLY A 245 13.07 -22.91 -1.65
N PHE A 246 12.79 -21.71 -1.14
CA PHE A 246 13.85 -20.86 -0.58
C PHE A 246 14.14 -21.32 0.84
N ARG A 247 14.95 -22.36 0.93
CA ARG A 247 15.35 -22.86 2.23
C ARG A 247 16.28 -21.85 2.91
N PRO A 248 16.00 -21.46 4.14
CA PRO A 248 16.97 -20.63 4.87
C PRO A 248 18.21 -21.43 5.23
N ALA A 249 19.33 -21.16 4.56
CA ALA A 249 20.59 -21.71 5.03
C ALA A 249 20.97 -21.16 6.40
N SER A 250 20.24 -20.15 6.88
CA SER A 250 20.50 -19.56 8.18
C SER A 250 20.38 -20.61 9.27
N ASP A 251 21.49 -20.89 9.94
CA ASP A 251 21.44 -21.59 11.21
C ASP A 251 21.13 -20.65 12.36
N GLU A 252 21.03 -19.35 12.08
CA GLU A 252 20.40 -18.38 12.97
C GLU A 252 18.89 -18.33 12.77
N ILE A 253 18.30 -19.41 12.22
CA ILE A 253 16.89 -19.38 11.87
C ILE A 253 16.00 -19.47 13.11
N LYS A 254 16.51 -20.02 14.21
CA LYS A 254 15.72 -20.07 15.45
C LYS A 254 15.34 -18.67 15.90
N THR A 255 16.35 -17.79 16.04
CA THR A 255 16.09 -16.42 16.41
C THR A 255 15.13 -15.75 15.43
N LEU A 256 15.43 -15.85 14.13
CA LEU A 256 14.55 -15.28 13.11
C LEU A 256 13.12 -15.78 13.25
N GLN A 257 12.94 -17.09 13.40
CA GLN A 257 11.60 -17.62 13.54
C GLN A 257 10.95 -17.15 14.82
N ARG A 258 11.72 -17.08 15.92
CA ARG A 258 11.20 -16.47 17.14
C ARG A 258 10.84 -15.01 16.92
N TYR A 259 11.59 -14.35 16.05
CA TYR A 259 11.47 -12.93 15.83
C TYR A 259 10.14 -12.58 15.16
N MET A 260 9.70 -13.41 14.22
CA MET A 260 8.54 -13.14 13.37
C MET A 260 7.26 -13.72 13.93
N CYS A 261 7.34 -14.92 14.51
CA CYS A 261 6.21 -15.48 15.26
C CYS A 261 5.76 -14.52 16.34
N SER A 262 6.72 -14.04 17.15
CA SER A 262 6.41 -13.09 18.20
C SER A 262 5.55 -11.93 17.67
N ARG A 263 6.00 -11.30 16.59
CA ARG A 263 5.29 -10.13 16.09
C ARG A 263 3.97 -10.48 15.44
N PHE A 264 3.83 -11.71 14.92
CA PHE A 264 2.55 -12.06 14.32
C PHE A 264 1.46 -12.15 15.38
N PHE A 265 1.76 -12.73 16.53
CA PHE A 265 0.77 -12.88 17.59
C PHE A 265 0.61 -11.62 18.42
N ILE A 266 1.59 -10.73 18.37
CA ILE A 266 1.40 -9.42 18.98
C ILE A 266 0.44 -8.57 18.17
N ASP A 267 0.72 -8.44 16.87
CA ASP A 267 -0.11 -7.60 16.01
C ASP A 267 -1.52 -8.19 15.84
N PHE A 268 -1.65 -9.52 15.82
CA PHE A 268 -2.93 -10.20 15.65
C PHE A 268 -3.16 -11.12 16.84
N SER A 269 -3.49 -10.54 17.99
CA SER A 269 -3.60 -11.31 19.22
C SER A 269 -4.79 -12.24 19.20
N ASP A 270 -5.95 -11.74 18.77
CA ASP A 270 -7.16 -12.53 18.80
C ASP A 270 -7.09 -13.65 17.75
N ILE A 271 -7.86 -14.72 18.02
CA ILE A 271 -7.89 -15.83 17.07
C ILE A 271 -8.70 -15.46 15.84
N GLY A 272 -9.80 -14.73 16.01
CA GLY A 272 -10.57 -14.28 14.87
C GLY A 272 -9.77 -13.35 13.97
N GLU A 273 -8.96 -12.49 14.57
CA GLU A 273 -8.10 -11.60 13.79
C GLU A 273 -7.04 -12.37 13.03
N GLN A 274 -6.60 -13.51 13.57
CA GLN A 274 -5.68 -14.38 12.84
C GLN A 274 -6.36 -15.00 11.63
N GLN A 275 -7.52 -15.61 11.83
CA GLN A 275 -8.23 -16.27 10.74
C GLN A 275 -8.46 -15.31 9.58
N ARG A 276 -8.81 -14.06 9.88
CA ARG A 276 -9.01 -13.08 8.82
C ARG A 276 -7.72 -12.82 8.04
N LYS A 277 -6.58 -12.80 8.74
CA LYS A 277 -5.31 -12.55 8.03
C LYS A 277 -4.91 -13.75 7.19
N LEU A 278 -5.04 -14.97 7.72
CA LEU A 278 -4.71 -16.15 6.92
C LEU A 278 -5.69 -16.35 5.77
N GLU A 279 -6.98 -16.06 6.00
CA GLU A 279 -7.95 -16.14 4.92
C GLU A 279 -7.61 -15.17 3.79
N SER A 280 -7.13 -13.97 4.15
CA SER A 280 -6.80 -12.97 3.13
C SER A 280 -5.50 -13.32 2.42
N TYR A 281 -4.48 -13.71 3.18
CA TYR A 281 -3.20 -14.09 2.58
C TYR A 281 -3.36 -15.30 1.67
N LEU A 282 -4.18 -16.27 2.08
CA LEU A 282 -4.49 -17.40 1.20
C LEU A 282 -5.19 -16.92 -0.06
N GLN A 283 -6.03 -15.89 0.06
CA GLN A 283 -6.87 -15.46 -1.05
C GLN A 283 -6.09 -14.64 -2.06
N ASN A 284 -5.29 -13.67 -1.60
CA ASN A 284 -4.62 -12.72 -2.48
C ASN A 284 -3.18 -13.13 -2.80
N HIS A 285 -2.36 -13.32 -1.77
CA HIS A 285 -0.94 -13.57 -1.97
C HIS A 285 -0.64 -14.92 -2.60
N PHE A 286 -1.63 -15.80 -2.70
CA PHE A 286 -1.50 -17.08 -3.40
C PHE A 286 -2.43 -17.06 -4.61
N VAL A 287 -1.84 -16.86 -5.79
CA VAL A 287 -2.58 -16.86 -7.05
C VAL A 287 -1.97 -17.90 -7.96
N GLY A 288 -2.82 -18.64 -8.67
CA GLY A 288 -2.35 -19.71 -9.52
C GLY A 288 -1.58 -20.78 -8.76
N LEU A 289 -2.05 -21.13 -7.57
CA LEU A 289 -1.38 -22.09 -6.71
C LEU A 289 -2.43 -22.89 -5.95
N GLU A 290 -2.16 -24.18 -5.76
CA GLU A 290 -3.18 -25.06 -5.19
C GLU A 290 -2.60 -25.96 -4.11
N ASP A 291 -1.81 -26.97 -4.50
CA ASP A 291 -1.02 -27.70 -3.50
C ASP A 291 -0.15 -26.76 -2.70
N ARG A 292 0.23 -25.64 -3.29
CA ARG A 292 1.00 -24.63 -2.57
C ARG A 292 0.24 -24.13 -1.35
N LYS A 293 -1.07 -23.89 -1.49
CA LYS A 293 -1.85 -23.41 -0.35
C LYS A 293 -1.78 -24.38 0.82
N TYR A 294 -2.10 -25.66 0.58
CA TYR A 294 -2.06 -26.62 1.66
C TYR A 294 -0.63 -26.82 2.16
N GLU A 295 0.34 -26.89 1.23
CA GLU A 295 1.74 -26.94 1.63
C GLU A 295 2.13 -25.75 2.48
N TYR A 296 1.67 -24.56 2.09
CA TYR A 296 1.94 -23.35 2.86
C TYR A 296 1.39 -23.47 4.28
N LEU A 297 0.16 -23.96 4.40
CA LEU A 297 -0.46 -24.07 5.72
C LEU A 297 0.32 -25.02 6.62
N MET A 298 0.80 -26.13 6.07
CA MET A 298 1.55 -27.10 6.88
C MET A 298 2.94 -26.59 7.23
N THR A 299 3.59 -25.84 6.34
CA THR A 299 4.89 -25.26 6.69
C THR A 299 4.77 -24.14 7.71
N LEU A 300 3.68 -23.38 7.67
CA LEU A 300 3.41 -22.42 8.75
C LEU A 300 3.18 -23.14 10.07
N HIS A 301 2.33 -24.18 10.06
CA HIS A 301 2.20 -25.09 11.20
C HIS A 301 3.58 -25.53 11.67
N GLY A 302 4.41 -26.03 10.74
CA GLY A 302 5.73 -26.50 11.10
C GLY A 302 6.55 -25.44 11.81
N VAL A 303 6.53 -24.20 11.29
CA VAL A 303 7.32 -23.14 11.91
C VAL A 303 6.78 -22.81 13.30
N VAL A 304 5.46 -22.74 13.45
CA VAL A 304 4.89 -22.38 14.74
C VAL A 304 5.18 -23.47 15.76
N ASN A 305 4.73 -24.70 15.49
CA ASN A 305 4.91 -25.80 16.45
C ASN A 305 6.38 -25.98 16.83
N GLU A 306 7.27 -25.83 15.86
CA GLU A 306 8.67 -26.14 16.13
C GLU A 306 9.41 -24.97 16.75
N SER A 307 9.16 -23.75 16.29
CA SER A 307 10.04 -22.63 16.60
C SER A 307 9.51 -21.65 17.65
N THR A 308 8.22 -21.28 17.63
CA THR A 308 7.74 -20.31 18.59
C THR A 308 7.99 -20.82 20.02
N VAL A 309 7.98 -19.90 20.96
CA VAL A 309 8.53 -20.27 22.26
C VAL A 309 7.92 -19.40 23.35
N CYS A 310 6.93 -18.59 22.98
CA CYS A 310 6.23 -17.83 24.00
C CYS A 310 4.73 -17.73 23.77
N LEU A 311 4.13 -18.67 23.03
CA LEU A 311 2.69 -18.74 22.97
C LEU A 311 2.16 -19.49 24.19
N MET A 312 1.08 -18.97 24.77
CA MET A 312 0.43 -19.66 25.88
C MET A 312 0.01 -21.07 25.45
N GLY A 313 -0.25 -21.91 26.45
CA GLY A 313 -0.67 -23.27 26.18
C GLY A 313 -1.93 -23.36 25.34
N HIS A 314 -3.00 -22.73 25.82
CA HIS A 314 -4.27 -22.74 25.09
C HIS A 314 -4.17 -21.92 23.81
N GLU A 315 -3.39 -20.83 23.82
CA GLU A 315 -3.22 -20.03 22.61
C GLU A 315 -2.53 -20.83 21.52
N ARG A 316 -1.50 -21.60 21.88
CA ARG A 316 -0.77 -22.40 20.89
C ARG A 316 -1.71 -23.39 20.18
N ARG A 317 -2.51 -24.12 20.96
CA ARG A 317 -3.43 -25.09 20.35
C ARG A 317 -4.45 -24.40 19.48
N GLN A 318 -5.09 -23.35 19.99
CA GLN A 318 -6.16 -22.70 19.24
C GLN A 318 -5.64 -22.07 17.95
N THR A 319 -4.37 -21.66 17.92
CA THR A 319 -3.80 -21.18 16.67
C THR A 319 -3.49 -22.34 15.74
N LEU A 320 -2.70 -23.30 16.20
CA LEU A 320 -2.35 -24.46 15.38
C LEU A 320 -3.60 -25.10 14.77
N ASN A 321 -4.68 -25.17 15.54
CA ASN A 321 -5.92 -25.75 15.06
C ASN A 321 -6.66 -24.81 14.11
N LEU A 322 -6.39 -23.51 14.15
CA LEU A 322 -6.90 -22.64 13.11
C LEU A 322 -6.25 -22.93 11.77
N ILE A 323 -4.94 -23.23 11.78
CA ILE A 323 -4.27 -23.64 10.54
C ILE A 323 -4.89 -24.92 10.01
N THR A 324 -5.02 -25.94 10.88
CA THR A 324 -5.51 -27.23 10.42
C THR A 324 -6.92 -27.14 9.86
N MET A 325 -7.77 -26.31 10.47
CA MET A 325 -9.11 -26.13 9.90
C MET A 325 -9.03 -25.58 8.48
N LEU A 326 -8.20 -24.56 8.28
CA LEU A 326 -8.10 -23.96 6.96
C LEU A 326 -7.52 -24.94 5.95
N ALA A 327 -6.57 -25.78 6.38
CA ALA A 327 -6.05 -26.80 5.50
C ALA A 327 -7.12 -27.81 5.12
N ILE A 328 -8.07 -28.06 6.03
CA ILE A 328 -9.23 -28.89 5.69
C ILE A 328 -10.07 -28.21 4.63
N ARG A 329 -10.26 -26.89 4.74
CA ARG A 329 -11.04 -26.17 3.74
C ARG A 329 -10.40 -26.28 2.36
N VAL A 330 -9.07 -26.19 2.30
CA VAL A 330 -8.38 -26.32 1.02
C VAL A 330 -8.53 -27.73 0.48
N LEU A 331 -8.29 -28.74 1.34
CA LEU A 331 -8.47 -30.13 0.91
C LEU A 331 -9.90 -30.37 0.44
N ALA A 332 -10.89 -29.88 1.20
CA ALA A 332 -12.28 -30.09 0.84
C ALA A 332 -12.66 -29.43 -0.47
N ASP A 333 -11.90 -28.43 -0.92
CA ASP A 333 -12.13 -27.82 -2.23
C ASP A 333 -11.23 -28.49 -3.27
N GLN A 334 -11.43 -29.79 -3.40
CA GLN A 334 -10.73 -30.65 -4.38
C GLN A 334 -9.24 -30.72 -4.10
N VAL B 13 2.94 17.94 8.84
CA VAL B 13 2.77 16.53 8.53
C VAL B 13 1.47 16.29 7.76
N ASN B 14 1.59 16.02 6.46
CA ASN B 14 0.48 15.58 5.65
C ASN B 14 0.51 14.06 5.50
N ILE B 15 -0.67 13.45 5.51
CA ILE B 15 -0.86 12.08 5.08
C ILE B 15 -2.23 12.05 4.40
N GLU B 16 -2.25 11.78 3.10
CA GLU B 16 -3.49 11.84 2.32
C GLU B 16 -3.68 10.52 1.59
N PHE B 17 -4.88 9.96 1.69
CA PHE B 17 -5.19 8.66 1.12
C PHE B 17 -6.45 8.75 0.27
N GLU B 18 -6.41 8.11 -0.90
CA GLU B 18 -7.56 8.08 -1.82
C GLU B 18 -7.66 6.68 -2.40
N ALA B 19 -8.79 6.02 -2.20
CA ALA B 19 -9.04 4.68 -2.74
C ALA B 19 -10.36 4.69 -3.49
N TYR B 20 -10.32 4.38 -4.79
CA TYR B 20 -11.51 4.37 -5.62
C TYR B 20 -11.90 2.99 -6.12
N SER B 21 -11.10 1.96 -5.88
CA SER B 21 -11.42 0.61 -6.35
C SER B 21 -12.13 -0.17 -5.23
N LEU B 22 -13.26 0.38 -4.80
CA LEU B 22 -14.01 -0.21 -3.71
C LEU B 22 -15.34 -0.77 -4.22
N SER B 23 -15.74 -1.90 -3.65
CA SER B 23 -17.00 -2.51 -4.01
C SER B 23 -18.17 -1.76 -3.37
N ASP B 24 -19.35 -1.88 -4.01
CA ASP B 24 -20.55 -1.25 -3.48
C ASP B 24 -20.89 -1.77 -2.09
N ASN B 25 -20.63 -3.05 -1.82
CA ASN B 25 -20.84 -3.58 -0.49
C ASN B 25 -19.84 -3.00 0.51
N ASP B 26 -18.60 -2.75 0.06
CA ASP B 26 -17.63 -2.10 0.94
C ASP B 26 -18.05 -0.67 1.27
N TYR B 27 -18.65 0.03 0.30
CA TYR B 27 -19.21 1.35 0.56
C TYR B 27 -20.29 1.29 1.63
N ASP B 28 -21.26 0.39 1.46
CA ASP B 28 -22.36 0.29 2.42
C ASP B 28 -21.84 -0.15 3.79
N GLY B 29 -20.85 -1.04 3.82
CA GLY B 29 -20.32 -1.49 5.09
C GLY B 29 -19.66 -0.38 5.88
N ILE B 30 -18.94 0.50 5.20
CA ILE B 30 -18.32 1.64 5.87
C ILE B 30 -19.36 2.70 6.21
N LYS B 31 -20.35 2.88 5.34
CA LYS B 31 -21.48 3.76 5.66
C LYS B 31 -22.17 3.33 6.96
N LYS B 32 -22.46 2.04 7.08
CA LYS B 32 -23.05 1.53 8.32
C LYS B 32 -22.10 1.68 9.50
N LEU B 33 -20.83 1.34 9.30
CA LEU B 33 -19.84 1.54 10.35
C LEU B 33 -19.76 3.01 10.77
N LEU B 34 -19.88 3.91 9.80
CA LEU B 34 -19.83 5.34 10.10
C LEU B 34 -21.09 5.79 10.83
N GLN B 35 -22.25 5.25 10.45
CA GLN B 35 -23.50 5.71 11.04
C GLN B 35 -23.71 5.18 12.45
N GLN B 36 -23.06 4.08 12.83
CA GLN B 36 -23.05 3.67 14.23
C GLN B 36 -22.35 4.71 15.10
N LEU B 37 -21.28 5.31 14.58
CA LEU B 37 -20.63 6.42 15.27
C LEU B 37 -21.55 7.63 15.36
N PHE B 38 -22.43 7.81 14.38
CA PHE B 38 -23.37 8.92 14.42
C PHE B 38 -24.39 8.73 15.54
N LEU B 39 -24.79 7.49 15.79
CA LEU B 39 -25.71 7.21 16.90
C LEU B 39 -25.05 7.51 18.25
N LYS B 40 -23.74 7.34 18.36
CA LYS B 40 -23.00 7.63 19.57
C LYS B 40 -22.74 9.12 19.76
N ALA B 41 -23.33 9.98 18.93
CA ALA B 41 -23.02 11.40 18.94
C ALA B 41 -24.28 12.22 19.23
N PRO B 42 -24.21 13.19 20.13
CA PRO B 42 -25.35 14.09 20.33
C PRO B 42 -25.52 15.07 19.18
N VAL B 43 -26.79 15.37 18.87
CA VAL B 43 -27.15 16.19 17.72
C VAL B 43 -27.35 17.64 18.16
N ASN B 44 -27.01 18.57 17.28
CA ASN B 44 -27.03 20.01 17.58
C ASN B 44 -28.35 20.59 17.11
N THR B 45 -29.34 20.58 17.99
CA THR B 45 -30.68 21.05 17.66
C THR B 45 -30.92 22.42 18.30
N ALA B 46 -31.43 23.36 17.49
CA ALA B 46 -31.84 24.68 17.96
C ALA B 46 -30.72 25.40 18.70
N GLU B 47 -29.50 25.27 18.18
CA GLU B 47 -28.34 25.88 18.81
C GLU B 47 -27.59 26.74 17.80
N LEU B 48 -27.65 26.35 16.53
CA LEU B 48 -26.93 27.02 15.46
C LEU B 48 -27.78 28.14 14.87
N THR B 49 -27.27 28.77 13.81
CA THR B 49 -27.98 29.83 13.10
C THR B 49 -29.41 29.45 12.70
N GLU B 79 -23.55 12.03 -2.66
CA GLU B 79 -23.54 11.33 -1.37
C GLU B 79 -22.16 11.39 -0.72
N VAL B 80 -22.08 11.97 0.47
CA VAL B 80 -20.85 12.03 1.25
C VAL B 80 -21.15 11.60 2.68
N PHE B 81 -20.29 10.76 3.24
CA PHE B 81 -20.46 10.25 4.59
C PHE B 81 -19.09 10.20 5.26
N GLY B 82 -18.94 10.86 6.41
CA GLY B 82 -17.67 10.83 7.10
C GLY B 82 -17.62 11.83 8.23
N PHE B 83 -16.40 12.05 8.71
CA PHE B 83 -16.15 12.96 9.82
C PHE B 83 -14.89 13.77 9.56
N ILE B 84 -14.82 14.95 10.17
CA ILE B 84 -13.66 15.83 10.12
C ILE B 84 -13.32 16.22 11.55
N SER B 85 -12.09 15.95 11.96
CA SER B 85 -11.70 16.06 13.36
C SER B 85 -10.50 17.00 13.48
N LEU B 86 -10.65 18.07 14.25
CA LEU B 86 -9.56 19.00 14.50
C LEU B 86 -8.64 18.40 15.55
N LEU B 87 -7.42 18.09 15.16
CA LEU B 87 -6.49 17.32 15.97
C LEU B 87 -5.25 18.18 16.26
N ASN B 88 -5.25 18.88 17.40
CA ASN B 88 -4.08 19.63 17.81
C ASN B 88 -2.90 18.68 18.00
N LEU B 89 -1.76 19.03 17.41
CA LEU B 89 -0.62 18.12 17.45
C LEU B 89 0.20 18.28 18.73
N THR B 90 -0.46 18.22 19.89
CA THR B 90 0.26 18.12 21.15
C THR B 90 1.03 16.81 21.20
N GLU B 91 2.15 16.82 21.93
CA GLU B 91 3.03 15.66 21.96
C GLU B 91 2.34 14.41 22.51
N ARG B 92 1.19 14.54 23.16
CA ARG B 92 0.50 13.39 23.71
C ARG B 92 -0.58 12.87 22.76
N LYS B 93 -1.82 13.31 22.96
CA LYS B 93 -2.94 12.80 22.16
C LYS B 93 -2.69 12.99 20.67
N GLY B 94 -2.03 14.06 20.28
CA GLY B 94 -1.70 14.29 18.89
C GLY B 94 -0.82 13.21 18.30
N THR B 95 0.35 12.98 18.90
CA THR B 95 1.29 12.01 18.36
C THR B 95 0.70 10.60 18.35
N GLN B 96 0.00 10.23 19.41
CA GLN B 96 -0.58 8.90 19.47
C GLN B 96 -1.57 8.67 18.34
N CYS B 97 -2.38 9.67 18.01
CA CYS B 97 -3.36 9.50 16.94
C CYS B 97 -2.66 9.37 15.59
N VAL B 98 -1.66 10.21 15.32
CA VAL B 98 -0.95 10.12 14.04
C VAL B 98 -0.25 8.77 13.91
N GLU B 99 0.31 8.26 15.02
CA GLU B 99 0.82 6.89 15.05
C GLU B 99 -0.21 5.91 14.51
N GLN B 100 -1.43 5.97 15.04
CA GLN B 100 -2.46 5.01 14.67
C GLN B 100 -2.95 5.25 13.25
N ILE B 101 -3.11 6.51 12.85
CA ILE B 101 -3.61 6.81 11.51
C ILE B 101 -2.60 6.37 10.45
N GLN B 102 -1.34 6.76 10.62
CA GLN B 102 -0.33 6.38 9.63
C GLN B 102 -0.15 4.88 9.58
N GLU B 103 -0.27 4.20 10.72
CA GLU B 103 -0.13 2.75 10.73
C GLU B 103 -1.24 2.10 9.90
N LEU B 104 -2.47 2.57 10.03
CA LEU B 104 -3.56 2.02 9.22
C LEU B 104 -3.34 2.30 7.74
N VAL B 105 -2.90 3.51 7.40
CA VAL B 105 -2.69 3.85 6.00
C VAL B 105 -1.64 2.93 5.39
N LEU B 106 -0.52 2.76 6.08
CA LEU B 106 0.51 1.82 5.63
C LEU B 106 -0.05 0.41 5.53
N ARG B 107 -0.91 0.04 6.48
CA ARG B 107 -1.60 -1.25 6.44
C ARG B 107 -2.52 -1.37 5.23
N PHE B 108 -2.95 -0.25 4.66
CA PHE B 108 -3.81 -0.27 3.48
C PHE B 108 -3.03 -0.25 2.17
N CYS B 109 -1.72 -0.07 2.23
CA CYS B 109 -0.90 -0.08 1.03
C CYS B 109 -0.54 -1.48 0.58
N GLU B 110 -1.17 -2.49 1.14
CA GLU B 110 -0.93 -3.86 0.73
C GLU B 110 -1.48 -4.09 -0.67
N LYS B 111 -1.19 -5.27 -1.23
CA LYS B 111 -1.39 -5.49 -2.65
C LYS B 111 -2.85 -5.33 -3.07
N ASN B 112 -3.80 -5.67 -2.20
CA ASN B 112 -5.20 -5.53 -2.56
C ASN B 112 -6.03 -5.07 -1.37
N CYS B 113 -6.10 -5.89 -0.33
CA CYS B 113 -6.64 -5.54 0.99
C CYS B 113 -8.01 -4.86 0.93
N GLU B 114 -8.75 -4.99 -0.17
CA GLU B 114 -10.08 -4.39 -0.23
C GLU B 114 -11.06 -5.08 0.69
N LYS B 115 -10.86 -6.38 0.95
CA LYS B 115 -11.75 -7.07 1.87
C LYS B 115 -11.46 -6.71 3.31
N SER B 116 -10.19 -6.80 3.72
CA SER B 116 -9.80 -6.48 5.09
C SER B 116 -9.92 -5.00 5.42
N MET B 117 -10.44 -4.18 4.51
CA MET B 117 -10.60 -2.76 4.80
C MET B 117 -11.60 -2.54 5.92
N VAL B 118 -12.80 -3.08 5.78
CA VAL B 118 -13.86 -2.77 6.72
C VAL B 118 -13.57 -3.40 8.09
N GLU B 119 -13.03 -4.62 8.10
CA GLU B 119 -12.63 -5.23 9.36
C GLU B 119 -11.60 -4.36 10.08
N GLN B 120 -10.60 -3.88 9.35
CA GLN B 120 -9.62 -3.00 9.96
C GLN B 120 -10.26 -1.68 10.38
N LEU B 121 -11.29 -1.22 9.67
CA LEU B 121 -11.93 0.04 10.01
C LEU B 121 -12.76 -0.07 11.28
N ASP B 122 -13.44 -1.21 11.47
CA ASP B 122 -14.20 -1.39 12.71
C ASP B 122 -13.28 -1.40 13.92
N LYS B 123 -12.18 -2.16 13.84
CA LYS B 123 -11.22 -2.24 14.92
C LYS B 123 -10.32 -1.01 15.03
N PHE B 124 -10.53 -0.01 14.18
CA PHE B 124 -9.74 1.21 14.15
C PHE B 124 -10.53 2.41 14.67
N LEU B 125 -11.70 2.68 14.10
CA LEU B 125 -12.49 3.85 14.48
C LEU B 125 -13.58 3.53 15.50
N ASN B 126 -13.68 2.27 15.95
CA ASN B 126 -14.77 1.86 16.84
C ASN B 126 -14.28 0.99 17.99
N ASP B 127 -12.96 0.95 18.24
CA ASP B 127 -12.42 0.02 19.21
C ASP B 127 -11.95 0.74 20.47
N THR B 128 -11.35 -0.04 21.37
CA THR B 128 -10.94 0.41 22.70
C THR B 128 -9.43 0.58 22.74
N THR B 129 -8.98 1.42 23.67
CA THR B 129 -7.57 1.76 23.84
C THR B 129 -6.94 2.21 22.53
N LYS B 130 -7.76 2.65 21.59
CA LYS B 130 -7.29 3.19 20.31
C LYS B 130 -7.43 4.70 20.34
N PRO B 131 -6.32 5.46 20.36
CA PRO B 131 -6.42 6.92 20.45
C PRO B 131 -7.38 7.56 19.45
N VAL B 132 -7.68 6.87 18.35
CA VAL B 132 -8.58 7.42 17.34
C VAL B 132 -10.03 7.15 17.70
N GLY B 133 -10.34 5.89 18.03
CA GLY B 133 -11.70 5.55 18.41
C GLY B 133 -12.17 6.31 19.63
N LEU B 134 -11.27 6.53 20.59
CA LEU B 134 -11.61 7.35 21.75
C LEU B 134 -11.91 8.79 21.34
N LEU B 135 -11.10 9.34 20.44
CA LEU B 135 -11.40 10.66 19.89
C LEU B 135 -12.78 10.69 19.24
N LEU B 136 -13.17 9.59 18.58
CA LEU B 136 -14.45 9.52 17.91
C LEU B 136 -15.60 9.20 18.88
N SER B 137 -15.30 8.79 20.10
CA SER B 137 -16.30 8.54 21.11
C SER B 137 -16.50 9.71 22.06
N GLU B 138 -15.45 10.50 22.30
CA GLU B 138 -15.52 11.59 23.26
C GLU B 138 -16.36 12.74 22.72
N ARG B 139 -15.78 13.57 21.85
CA ARG B 139 -16.42 14.80 21.38
C ARG B 139 -16.76 14.65 19.90
N PHE B 140 -17.85 13.96 19.62
CA PHE B 140 -18.37 13.78 18.27
C PHE B 140 -19.73 14.47 18.18
N ILE B 141 -19.93 15.24 17.12
CA ILE B 141 -21.18 15.94 16.87
C ILE B 141 -21.58 15.75 15.42
N ASN B 142 -22.75 15.17 15.19
CA ASN B 142 -23.34 15.17 13.86
C ASN B 142 -24.10 16.48 13.64
N VAL B 143 -23.84 17.11 12.51
CA VAL B 143 -24.33 18.47 12.24
C VAL B 143 -25.25 18.40 11.02
N PRO B 144 -26.17 19.36 10.89
CA PRO B 144 -27.10 19.34 9.76
C PRO B 144 -26.40 19.71 8.46
N PRO B 145 -27.10 19.63 7.33
CA PRO B 145 -26.43 19.94 6.05
C PRO B 145 -25.86 21.35 5.98
N GLN B 146 -26.62 22.34 6.42
CA GLN B 146 -26.21 23.74 6.26
C GLN B 146 -24.85 24.00 6.85
N ILE B 147 -24.48 23.27 7.90
CA ILE B 147 -23.16 23.42 8.50
C ILE B 147 -22.13 22.50 7.85
N ALA B 148 -22.56 21.32 7.41
CA ALA B 148 -21.59 20.30 7.04
C ALA B 148 -21.01 20.54 5.64
N LEU B 149 -21.87 20.79 4.65
CA LEU B 149 -21.40 21.20 3.31
C LEU B 149 -20.25 22.21 3.32
N PRO B 150 -20.31 23.33 4.05
CA PRO B 150 -19.16 24.24 4.04
C PRO B 150 -17.86 23.57 4.41
N MET B 151 -17.91 22.58 5.30
CA MET B 151 -16.69 21.91 5.73
C MET B 151 -16.14 21.02 4.63
N TYR B 152 -16.99 20.15 4.08
CA TYR B 152 -16.56 19.29 2.98
C TYR B 152 -16.03 20.13 1.82
N GLN B 153 -16.60 21.32 1.60
CA GLN B 153 -16.15 22.18 0.52
C GLN B 153 -14.73 22.67 0.76
N GLN B 154 -14.49 23.36 1.88
CA GLN B 154 -13.17 23.89 2.16
C GLN B 154 -12.14 22.78 2.37
N LEU B 155 -12.55 21.64 2.93
CA LEU B 155 -11.65 20.50 2.99
C LEU B 155 -11.20 20.10 1.58
N GLN B 156 -12.16 19.95 0.66
CA GLN B 156 -11.82 19.60 -0.72
C GLN B 156 -10.83 20.59 -1.32
N LYS B 157 -10.99 21.87 -1.02
CA LYS B 157 -10.11 22.87 -1.61
C LYS B 157 -8.69 22.79 -1.04
N GLU B 158 -8.55 22.45 0.25
CA GLU B 158 -7.21 22.31 0.83
C GLU B 158 -6.47 21.12 0.20
N LEU B 159 -7.18 20.04 -0.11
CA LEU B 159 -6.56 18.87 -0.71
C LEU B 159 -6.26 19.06 -2.18
N ALA B 160 -6.76 20.13 -2.80
CA ALA B 160 -6.57 20.35 -4.23
C ALA B 160 -5.88 21.66 -4.58
N GLY B 161 -5.89 22.66 -3.69
CA GLY B 161 -5.30 23.94 -4.03
C GLY B 161 -3.79 23.90 -4.16
N ALA B 162 -3.11 23.42 -3.13
CA ALA B 162 -1.65 23.36 -3.13
C ALA B 162 -1.18 22.16 -2.30
N GLY B 170 -0.67 25.82 10.63
CA GLY B 170 -2.10 26.01 10.84
C GLY B 170 -2.73 24.91 11.65
N LYS B 171 -4.03 24.70 11.43
CA LYS B 171 -4.78 23.67 12.13
C LYS B 171 -4.58 22.32 11.45
N CYS B 172 -4.45 21.27 12.26
CA CYS B 172 -4.32 19.90 11.77
C CYS B 172 -5.69 19.22 11.79
N TYR B 173 -6.06 18.63 10.66
CA TYR B 173 -7.39 18.04 10.48
C TYR B 173 -7.26 16.59 10.08
N PHE B 174 -8.00 15.71 10.77
CA PHE B 174 -8.06 14.29 10.46
C PHE B 174 -9.47 13.98 9.96
N TYR B 175 -9.56 13.46 8.75
CA TYR B 175 -10.82 13.26 8.06
C TYR B 175 -10.91 11.85 7.50
N LEU B 176 -12.15 11.39 7.31
CA LEU B 176 -12.44 10.15 6.61
C LEU B 176 -13.76 10.36 5.89
N LEU B 177 -13.79 10.07 4.59
CA LEU B 177 -14.97 10.40 3.79
C LEU B 177 -15.19 9.32 2.73
N ILE B 178 -16.44 8.87 2.61
CA ILE B 178 -16.86 7.98 1.52
C ILE B 178 -17.91 8.70 0.69
N SER B 179 -17.70 8.71 -0.62
CA SER B 179 -18.58 9.39 -1.57
C SER B 179 -18.94 8.46 -2.71
N LYS B 180 -20.22 8.48 -3.11
CA LYS B 180 -20.71 7.62 -4.17
C LYS B 180 -21.44 8.49 -5.19
N THR B 181 -21.04 8.40 -6.45
CA THR B 181 -21.60 9.25 -7.49
C THR B 181 -21.82 8.48 -8.80
N LEU B 249 -19.47 5.46 -8.41
CA LEU B 249 -18.10 5.86 -8.13
C LEU B 249 -17.84 6.01 -6.64
N VAL B 250 -17.12 5.03 -6.08
CA VAL B 250 -16.76 5.03 -4.66
C VAL B 250 -15.42 5.75 -4.50
N SER B 251 -15.31 6.55 -3.43
CA SER B 251 -14.09 7.34 -3.21
C SER B 251 -13.89 7.49 -1.71
N LEU B 252 -13.31 6.45 -1.10
CA LEU B 252 -12.95 6.51 0.32
C LEU B 252 -11.69 7.35 0.44
N LYS B 253 -11.85 8.60 0.83
CA LYS B 253 -10.73 9.52 0.97
C LYS B 253 -10.54 9.87 2.44
N ALA B 254 -9.32 9.68 2.93
CA ALA B 254 -8.99 9.97 4.32
C ALA B 254 -7.63 10.63 4.36
N GLY B 255 -7.32 11.26 5.49
CA GLY B 255 -6.01 11.86 5.63
C GLY B 255 -5.87 12.66 6.91
N LEU B 256 -4.75 13.36 6.99
CA LEU B 256 -4.39 14.18 8.14
C LEU B 256 -3.49 15.29 7.62
N ILE B 257 -4.03 16.50 7.51
CA ILE B 257 -3.39 17.55 6.73
C ILE B 257 -3.36 18.85 7.52
N GLN B 258 -2.24 19.58 7.40
CA GLN B 258 -2.07 20.90 8.01
C GLN B 258 -2.61 21.95 7.06
N SER B 259 -3.60 22.72 7.50
CA SER B 259 -4.35 23.53 6.54
C SER B 259 -4.77 24.85 7.18
N ARG B 260 -5.64 25.57 6.49
CA ARG B 260 -6.28 26.78 6.97
C ARG B 260 -7.64 26.43 7.58
N SER B 261 -8.15 27.34 8.40
CA SER B 261 -9.36 27.04 9.18
C SER B 261 -10.53 26.66 8.28
N THR B 262 -11.23 25.60 8.67
CA THR B 262 -12.42 25.13 7.96
C THR B 262 -13.70 25.39 8.74
N LEU B 263 -13.68 25.20 10.06
CA LEU B 263 -14.85 25.47 10.87
C LEU B 263 -14.41 26.00 12.24
N SER B 264 -13.60 27.07 12.24
CA SER B 264 -13.17 27.66 13.49
C SER B 264 -14.36 28.14 14.32
N ASP B 265 -15.48 28.45 13.67
CA ASP B 265 -16.64 28.97 14.39
C ASP B 265 -17.22 27.94 15.36
N PHE B 266 -17.54 26.75 14.88
CA PHE B 266 -18.16 25.76 15.75
C PHE B 266 -17.20 24.68 16.24
N GLN B 267 -16.13 24.39 15.51
CA GLN B 267 -15.24 23.30 15.91
C GLN B 267 -14.22 23.76 16.94
N GLY B 268 -13.90 22.87 17.87
CA GLY B 268 -12.86 23.09 18.85
C GLY B 268 -11.84 21.97 18.82
N THR B 269 -10.85 22.09 19.70
CA THR B 269 -9.78 21.11 19.73
C THR B 269 -10.31 19.73 20.12
N PHE B 270 -9.94 18.72 19.33
CA PHE B 270 -10.36 17.33 19.52
C PHE B 270 -11.87 17.17 19.45
N MET B 271 -12.54 17.97 18.63
CA MET B 271 -13.96 17.84 18.39
C MET B 271 -14.18 17.33 16.97
N THR B 272 -14.83 16.19 16.85
CA THR B 272 -15.02 15.51 15.57
C THR B 272 -16.39 15.86 15.01
N VAL B 273 -16.41 16.56 13.88
CA VAL B 273 -17.65 16.98 13.21
C VAL B 273 -18.06 15.91 12.21
N GLY B 274 -19.35 15.56 12.20
CA GLY B 274 -19.87 14.54 11.32
C GLY B 274 -20.47 15.13 10.07
N ILE B 275 -19.96 14.68 8.91
CA ILE B 275 -20.44 15.12 7.61
C ILE B 275 -21.17 13.94 6.97
N ALA B 276 -22.50 14.02 6.92
CA ALA B 276 -23.34 12.96 6.35
C ALA B 276 -24.45 13.62 5.53
N LEU B 277 -24.28 13.67 4.21
CA LEU B 277 -25.15 14.42 3.32
C LEU B 277 -25.53 13.56 2.12
N SER B 278 -26.40 14.11 1.27
CA SER B 278 -26.85 13.43 0.06
C SER B 278 -26.81 14.34 -1.16
#